data_8BVO
#
_entry.id   8BVO
#
_cell.length_a   34.287
_cell.length_b   46.259
_cell.length_c   71.345
_cell.angle_alpha   90.000
_cell.angle_beta   100.730
_cell.angle_gamma   90.000
#
_symmetry.space_group_name_H-M   'P 1 21 1'
#
loop_
_entity.id
_entity.type
_entity.pdbx_description
1 polymer Titin
2 water water
#
_entity_poly.entity_id   1
_entity_poly.type   'polypeptide(L)'
_entity_poly.pdbx_seq_one_letter_code
;GAMEPSAPKELKFGDITKDSVHLTWEPPDDDGGSPLTGYVVEKREVSRKTWTKVMDFVTDLEFTVPDLVQGKEYLFRVCA
RNKCGPGEPAYVDEPVNMSTPATVPDPPENVKWRDRTANSIFLTWDPPKNDGGSRIKGYIVERCPRGSDKWVACGEPVAE
TKMEVTGLEEGKWYAYRVKALNRQGASKPSRPTEEIQAV
;
_entity_poly.pdbx_strand_id   A
#
# COMPACT_ATOMS: atom_id res chain seq x y z
N ALA A 2 27.10 -7.90 -25.59
CA ALA A 2 25.99 -7.70 -24.65
C ALA A 2 25.52 -9.01 -23.99
N MET A 3 24.85 -8.89 -22.84
CA MET A 3 24.46 -10.06 -22.05
C MET A 3 23.08 -9.85 -21.46
N GLU A 4 22.72 -10.73 -20.56
CA GLU A 4 21.44 -10.85 -19.88
C GLU A 4 21.31 -9.80 -18.78
N PRO A 5 20.08 -9.37 -18.48
CA PRO A 5 19.88 -8.41 -17.40
C PRO A 5 20.06 -9.04 -16.03
N SER A 6 20.28 -8.18 -15.03
CA SER A 6 20.36 -8.68 -13.67
C SER A 6 18.94 -8.95 -13.15
N ALA A 7 18.77 -9.07 -11.84
CA ALA A 7 17.45 -9.54 -11.45
C ALA A 7 16.54 -8.37 -11.08
N PRO A 8 15.23 -8.48 -11.28
CA PRO A 8 14.33 -7.42 -10.82
C PRO A 8 14.48 -7.18 -9.31
N LYS A 9 14.16 -5.96 -8.90
CA LYS A 9 14.28 -5.49 -7.53
C LYS A 9 12.91 -5.27 -6.90
N GLU A 10 12.92 -5.14 -5.58
CA GLU A 10 11.75 -4.86 -4.75
C GLU A 10 10.53 -5.69 -5.17
N LEU A 11 10.74 -7.01 -5.17
CA LEU A 11 9.65 -7.95 -5.41
C LEU A 11 8.82 -8.08 -4.14
N LYS A 12 7.64 -7.47 -4.15
CA LYS A 12 6.66 -7.62 -3.09
C LYS A 12 5.33 -8.14 -3.65
N PHE A 13 4.46 -8.60 -2.74
CA PHE A 13 3.11 -9.04 -3.05
C PHE A 13 2.11 -8.40 -2.09
N GLY A 14 0.84 -8.54 -2.41
CA GLY A 14 -0.23 -7.91 -1.64
C GLY A 14 -1.55 -8.11 -2.33
N ASP A 15 -2.58 -7.42 -1.83
CA ASP A 15 -3.91 -7.42 -2.45
C ASP A 15 -4.42 -8.85 -2.65
N ILE A 16 -4.08 -9.75 -1.72
CA ILE A 16 -4.50 -11.15 -1.72
C ILE A 16 -6.02 -11.25 -1.70
N THR A 17 -6.61 -11.74 -2.77
CA THR A 17 -8.04 -11.94 -2.79
C THR A 17 -8.34 -13.41 -2.53
N LYS A 18 -9.54 -13.85 -2.94
CA LYS A 18 -9.90 -15.25 -2.78
C LYS A 18 -9.14 -16.12 -3.77
N ASP A 19 -8.82 -15.59 -4.95
CA ASP A 19 -8.20 -16.43 -5.97
C ASP A 19 -7.07 -15.71 -6.70
N SER A 20 -6.52 -14.64 -6.13
CA SER A 20 -5.44 -13.92 -6.77
C SER A 20 -4.52 -13.29 -5.74
N VAL A 21 -3.35 -12.85 -6.23
CA VAL A 21 -2.36 -12.09 -5.48
C VAL A 21 -1.76 -11.11 -6.46
N HIS A 22 -1.29 -9.99 -5.94
CA HIS A 22 -0.75 -8.93 -6.76
C HIS A 22 0.74 -8.78 -6.52
N LEU A 23 1.53 -8.90 -7.59
CA LEU A 23 2.97 -8.78 -7.53
C LEU A 23 3.40 -7.48 -8.17
N THR A 24 4.44 -6.91 -7.59
CA THR A 24 4.92 -5.55 -7.82
C THR A 24 6.43 -5.62 -7.72
N TRP A 25 7.13 -5.01 -8.66
CA TRP A 25 8.58 -5.03 -8.60
C TRP A 25 9.15 -3.76 -9.23
N GLU A 26 10.45 -3.66 -9.21
CA GLU A 26 11.17 -2.55 -9.80
C GLU A 26 12.20 -3.08 -10.80
N PRO A 27 12.61 -2.26 -11.77
CA PRO A 27 13.47 -2.76 -12.86
C PRO A 27 14.82 -3.25 -12.35
N PRO A 28 15.56 -4.02 -13.14
CA PRO A 28 16.92 -4.39 -12.74
C PRO A 28 17.91 -3.24 -12.90
N ASP A 29 18.97 -3.31 -12.10
CA ASP A 29 20.03 -2.31 -12.14
C ASP A 29 20.74 -2.30 -13.47
N ASP A 30 20.99 -3.46 -14.05
CA ASP A 30 21.72 -3.60 -15.30
C ASP A 30 20.87 -4.32 -16.34
N ASP A 31 20.70 -3.68 -17.50
CA ASP A 31 19.95 -4.25 -18.61
C ASP A 31 20.78 -5.18 -19.47
N GLY A 32 22.08 -5.31 -19.18
CA GLY A 32 22.99 -6.11 -19.96
C GLY A 32 23.59 -5.40 -21.15
N GLY A 33 23.25 -4.14 -21.37
CA GLY A 33 23.70 -3.43 -22.55
C GLY A 33 22.71 -3.47 -23.68
N SER A 34 21.50 -3.96 -23.42
CA SER A 34 20.43 -4.01 -24.38
C SER A 34 19.13 -3.79 -23.62
N PRO A 35 18.20 -3.02 -24.18
CA PRO A 35 16.98 -2.65 -23.44
C PRO A 35 16.10 -3.86 -23.13
N LEU A 36 15.40 -3.80 -22.02
CA LEU A 36 14.58 -4.92 -21.62
C LEU A 36 13.35 -5.07 -22.51
N THR A 37 12.83 -6.30 -22.59
CA THR A 37 11.69 -6.65 -23.42
C THR A 37 10.46 -7.10 -22.64
N GLY A 38 10.58 -7.32 -21.34
CA GLY A 38 9.50 -7.86 -20.55
C GLY A 38 10.03 -8.58 -19.32
N TYR A 39 9.11 -9.23 -18.59
CA TYR A 39 9.44 -9.99 -17.38
C TYR A 39 8.76 -11.35 -17.42
N VAL A 40 9.37 -12.34 -16.75
CA VAL A 40 8.77 -13.66 -16.64
C VAL A 40 8.26 -13.83 -15.22
N VAL A 41 7.04 -14.31 -15.09
CA VAL A 41 6.43 -14.54 -13.80
C VAL A 41 6.14 -16.03 -13.65
N GLU A 42 6.73 -16.67 -12.65
CA GLU A 42 6.53 -18.09 -12.40
C GLU A 42 6.02 -18.33 -10.98
N LYS A 43 5.23 -19.38 -10.79
CA LYS A 43 4.72 -19.74 -9.48
C LYS A 43 5.08 -21.18 -9.16
N ARG A 44 4.90 -21.55 -7.90
CA ARG A 44 5.18 -22.92 -7.47
C ARG A 44 4.62 -23.11 -6.08
N GLU A 45 3.58 -23.95 -5.95
CA GLU A 45 3.00 -24.18 -4.65
C GLU A 45 4.03 -24.86 -3.76
N VAL A 46 4.03 -24.52 -2.48
CA VAL A 46 5.14 -24.91 -1.63
C VAL A 46 5.27 -26.43 -1.51
N SER A 47 4.20 -27.18 -1.80
CA SER A 47 4.21 -28.64 -1.72
C SER A 47 4.32 -29.30 -3.09
N ARG A 48 4.89 -28.62 -4.08
CA ARG A 48 5.01 -29.12 -5.45
C ARG A 48 6.37 -28.71 -5.98
N LYS A 49 6.93 -29.54 -6.86
CA LYS A 49 8.36 -29.48 -7.15
C LYS A 49 8.74 -28.67 -8.39
N THR A 50 7.81 -28.27 -9.25
CA THR A 50 8.19 -27.66 -10.51
C THR A 50 7.62 -26.23 -10.62
N TRP A 51 8.47 -25.27 -11.01
CA TRP A 51 8.02 -23.93 -11.33
C TRP A 51 7.18 -23.93 -12.61
N THR A 52 5.98 -23.39 -12.57
CA THR A 52 5.20 -23.24 -13.80
C THR A 52 5.11 -21.76 -14.20
N LYS A 53 5.30 -21.49 -15.51
CA LYS A 53 5.30 -20.14 -16.06
C LYS A 53 3.88 -19.58 -16.11
N VAL A 54 3.63 -18.52 -15.33
CA VAL A 54 2.35 -17.81 -15.32
C VAL A 54 2.21 -16.87 -16.52
N MET A 55 3.22 -16.04 -16.77
CA MET A 55 3.12 -15.13 -17.91
C MET A 55 4.51 -14.70 -18.32
N ASP A 56 4.62 -14.32 -19.59
CA ASP A 56 5.87 -13.92 -20.16
C ASP A 56 5.66 -12.65 -20.98
N PHE A 57 6.75 -11.91 -21.15
CA PHE A 57 6.73 -10.64 -21.85
C PHE A 57 5.75 -9.68 -21.20
N VAL A 58 5.84 -9.60 -19.86
CA VAL A 58 5.10 -8.61 -19.08
C VAL A 58 5.78 -7.28 -19.28
N THR A 59 5.01 -6.25 -19.60
CA THR A 59 5.68 -4.97 -19.75
C THR A 59 5.53 -4.07 -18.54
N ASP A 60 4.48 -4.26 -17.75
CA ASP A 60 4.30 -3.48 -16.53
C ASP A 60 5.27 -3.95 -15.45
N LEU A 61 5.34 -3.17 -14.37
CA LEU A 61 6.12 -3.55 -13.19
C LEU A 61 5.24 -4.19 -12.13
N GLU A 62 4.15 -4.79 -12.55
CA GLU A 62 3.21 -5.39 -11.62
C GLU A 62 2.36 -6.39 -12.39
N PHE A 63 1.89 -7.41 -11.67
CA PHE A 63 1.14 -8.48 -12.28
C PHE A 63 0.22 -9.09 -11.25
N THR A 64 -0.99 -9.43 -11.67
CA THR A 64 -1.96 -10.10 -10.81
C THR A 64 -2.06 -11.55 -11.25
N VAL A 65 -1.66 -12.46 -10.36
CA VAL A 65 -1.67 -13.89 -10.61
C VAL A 65 -3.05 -14.44 -10.30
N PRO A 66 -3.73 -15.06 -11.26
CA PRO A 66 -5.05 -15.61 -11.01
C PRO A 66 -4.96 -17.08 -10.61
N ASP A 67 -6.12 -17.63 -10.24
CA ASP A 67 -6.33 -19.07 -10.17
C ASP A 67 -5.49 -19.69 -9.04
N LEU A 68 -5.63 -19.12 -7.86
CA LEU A 68 -4.97 -19.63 -6.66
C LEU A 68 -6.01 -20.30 -5.78
N VAL A 69 -5.61 -21.36 -5.09
CA VAL A 69 -6.53 -22.22 -4.36
C VAL A 69 -6.46 -21.86 -2.89
N GLN A 70 -7.52 -21.23 -2.39
CA GLN A 70 -7.53 -20.70 -1.02
C GLN A 70 -7.15 -21.78 -0.04
N GLY A 71 -6.12 -21.53 0.75
CA GLY A 71 -5.57 -22.53 1.63
C GLY A 71 -4.39 -23.31 1.08
N LYS A 72 -3.72 -22.82 0.05
CA LYS A 72 -2.40 -23.30 -0.36
C LYS A 72 -1.40 -22.19 -0.08
N GLU A 73 -0.11 -22.48 -0.29
CA GLU A 73 0.95 -21.49 -0.13
C GLU A 73 1.79 -21.47 -1.40
N TYR A 74 1.98 -20.28 -1.96
CA TYR A 74 2.63 -20.15 -3.26
C TYR A 74 3.94 -19.39 -3.14
N LEU A 75 4.95 -19.89 -3.84
CA LEU A 75 6.19 -19.17 -4.12
C LEU A 75 6.07 -18.46 -5.45
N PHE A 76 6.87 -17.41 -5.62
CA PHE A 76 6.85 -16.64 -6.86
C PHE A 76 8.25 -16.14 -7.17
N ARG A 77 8.55 -16.06 -8.46
CA ARG A 77 9.80 -15.44 -8.89
C ARG A 77 9.58 -14.73 -10.22
N VAL A 78 10.32 -13.64 -10.42
CA VAL A 78 10.28 -12.82 -11.64
C VAL A 78 11.67 -12.69 -12.22
N CYS A 79 11.78 -12.79 -13.54
CA CYS A 79 13.04 -12.46 -14.20
C CYS A 79 12.79 -11.39 -15.23
N ALA A 80 13.88 -10.84 -15.76
CA ALA A 80 13.83 -9.73 -16.70
C ALA A 80 14.27 -10.22 -18.07
N ARG A 81 13.66 -9.69 -19.11
CA ARG A 81 13.83 -10.17 -20.47
C ARG A 81 14.72 -9.23 -21.28
N ASN A 82 15.57 -9.83 -22.08
CA ASN A 82 16.56 -9.14 -22.87
C ASN A 82 16.47 -9.68 -24.29
N LYS A 83 17.17 -9.01 -25.22
CA LYS A 83 17.45 -9.65 -26.50
C LYS A 83 18.19 -10.98 -26.33
N CYS A 84 18.84 -11.18 -25.17
CA CYS A 84 19.54 -12.41 -24.84
C CYS A 84 18.69 -13.42 -24.09
N GLY A 85 17.48 -13.06 -23.66
CA GLY A 85 16.68 -13.98 -22.89
C GLY A 85 16.62 -13.59 -21.42
N PRO A 86 15.87 -14.35 -20.64
CA PRO A 86 15.64 -13.95 -19.24
C PRO A 86 16.90 -14.02 -18.42
N GLY A 87 17.02 -13.08 -17.47
CA GLY A 87 18.12 -13.06 -16.53
C GLY A 87 17.80 -13.75 -15.21
N GLU A 88 18.67 -13.52 -14.23
CA GLU A 88 18.52 -14.16 -12.93
C GLU A 88 17.17 -13.82 -12.30
N PRO A 89 16.63 -14.72 -11.48
CA PRO A 89 15.29 -14.51 -10.91
C PRO A 89 15.31 -13.83 -9.55
N ALA A 90 14.26 -13.04 -9.31
CA ALA A 90 14.02 -12.43 -8.00
C ALA A 90 12.90 -13.18 -7.31
N TYR A 91 13.12 -13.55 -6.03
CA TYR A 91 12.15 -14.34 -5.27
C TYR A 91 11.39 -13.47 -4.28
N VAL A 92 10.17 -13.87 -3.97
CA VAL A 92 9.46 -13.25 -2.86
C VAL A 92 10.09 -13.67 -1.55
N ASP A 93 9.90 -12.83 -0.53
CA ASP A 93 10.62 -13.00 0.72
C ASP A 93 10.11 -14.23 1.49
N GLU A 94 8.81 -14.44 1.50
CA GLU A 94 8.18 -15.58 2.16
C GLU A 94 7.02 -16.03 1.29
N PRO A 95 6.54 -17.26 1.48
CA PRO A 95 5.40 -17.75 0.68
C PRO A 95 4.19 -16.85 0.83
N VAL A 96 3.32 -16.90 -0.19
CA VAL A 96 2.00 -16.27 -0.12
C VAL A 96 1.00 -17.28 0.38
N ASN A 97 0.31 -16.93 1.46
CA ASN A 97 -0.69 -17.78 2.09
C ASN A 97 -2.07 -17.21 1.79
N MET A 98 -2.89 -18.00 1.10
CA MET A 98 -4.14 -17.55 0.51
C MET A 98 -5.31 -17.51 1.48
N SER A 99 -5.16 -18.09 2.67
CA SER A 99 -6.26 -18.11 3.61
C SER A 99 -6.59 -16.72 4.13
N THR A 100 -5.55 -15.91 4.40
CA THR A 100 -5.64 -14.57 4.95
C THR A 100 -5.84 -13.54 3.85
N PRO A 101 -7.08 -13.09 3.62
CA PRO A 101 -7.33 -12.19 2.49
C PRO A 101 -6.85 -10.78 2.81
N ALA A 102 -6.90 -9.92 1.79
CA ALA A 102 -6.56 -8.52 1.99
C ALA A 102 -7.78 -7.81 2.54
N THR A 103 -7.54 -6.88 3.46
CA THR A 103 -8.61 -6.13 4.10
C THR A 103 -8.22 -4.66 4.14
N VAL A 104 -8.99 -3.91 4.92
CA VAL A 104 -8.83 -2.48 5.14
C VAL A 104 -7.63 -2.27 6.07
N PRO A 105 -6.97 -1.10 6.07
CA PRO A 105 -5.82 -0.90 6.95
C PRO A 105 -6.22 -0.64 8.39
N ASP A 106 -5.26 -0.79 9.29
CA ASP A 106 -5.48 -0.52 10.70
C ASP A 106 -5.61 0.99 10.93
N PRO A 107 -6.16 1.40 12.08
CA PRO A 107 -6.18 2.84 12.42
C PRO A 107 -4.79 3.40 12.59
N PRO A 108 -4.54 4.64 12.09
CA PRO A 108 -3.25 5.33 12.31
C PRO A 108 -2.89 5.53 13.79
N GLU A 109 -1.67 5.98 14.11
CA GLU A 109 -1.19 5.90 15.50
C GLU A 109 -1.36 7.20 16.28
N ASN A 110 -0.26 7.80 16.77
CA ASN A 110 -0.35 8.87 17.76
C ASN A 110 -0.54 10.20 17.06
N VAL A 111 -1.78 10.65 16.99
CA VAL A 111 -2.12 11.92 16.35
C VAL A 111 -1.69 13.07 17.25
N LYS A 112 -1.12 14.12 16.65
CA LYS A 112 -0.61 15.26 17.38
C LYS A 112 -1.03 16.55 16.69
N TRP A 113 -1.01 17.65 17.45
CA TRP A 113 -1.42 18.94 16.92
C TRP A 113 -0.44 20.04 17.35
N ARG A 114 -0.39 21.09 16.54
CA ARG A 114 0.48 22.25 16.75
C ARG A 114 0.06 23.35 15.78
N ASP A 115 0.57 24.56 16.03
CA ASP A 115 0.40 25.70 15.11
C ASP A 115 -1.06 26.16 15.04
N ARG A 116 -1.70 26.24 16.20
CA ARG A 116 -3.10 26.64 16.26
C ARG A 116 -3.24 28.14 16.03
N THR A 117 -4.20 28.53 15.20
CA THR A 117 -4.55 29.92 15.03
C THR A 117 -6.04 30.09 15.22
N ALA A 118 -6.51 31.33 15.00
CA ALA A 118 -7.92 31.64 15.06
C ALA A 118 -8.67 30.94 13.94
N ASN A 119 -7.95 30.24 13.05
CA ASN A 119 -8.49 29.68 11.82
C ASN A 119 -7.92 28.34 11.40
N SER A 120 -6.78 27.90 11.92
CA SER A 120 -6.17 26.68 11.41
C SER A 120 -5.40 25.96 12.51
N ILE A 121 -5.20 24.67 12.30
CA ILE A 121 -4.43 23.81 13.19
C ILE A 121 -3.58 22.91 12.32
N PHE A 122 -2.36 22.61 12.77
CA PHE A 122 -1.46 21.70 12.07
C PHE A 122 -1.41 20.36 12.82
N LEU A 123 -1.87 19.30 12.15
CA LEU A 123 -1.96 17.96 12.73
C LEU A 123 -0.97 16.99 12.08
N THR A 124 -0.31 16.18 12.91
CA THR A 124 0.56 15.11 12.46
C THR A 124 0.09 13.80 13.07
N TRP A 125 0.46 12.69 12.44
CA TRP A 125 0.06 11.36 12.91
C TRP A 125 1.04 10.33 12.34
N ASP A 126 0.99 9.13 12.93
CA ASP A 126 1.88 8.06 12.50
C ASP A 126 1.14 7.04 11.65
N PRO A 127 1.81 6.42 10.68
CA PRO A 127 1.17 5.38 9.88
C PRO A 127 0.75 4.21 10.75
N PRO A 128 -0.28 3.46 10.33
CA PRO A 128 -0.68 2.28 11.10
C PRO A 128 0.38 1.19 10.99
N LYS A 129 0.36 0.28 11.96
CA LYS A 129 1.26 -0.87 11.95
C LYS A 129 0.94 -1.81 10.80
N ASN A 130 -0.34 -2.18 10.66
CA ASN A 130 -0.80 -3.20 9.74
C ASN A 130 -1.65 -2.52 8.67
N ASP A 131 -1.22 -2.63 7.41
CA ASP A 131 -1.98 -2.05 6.31
C ASP A 131 -3.11 -2.96 5.80
N GLY A 132 -3.28 -4.15 6.39
CA GLY A 132 -4.32 -5.06 5.97
C GLY A 132 -3.96 -5.96 4.80
N GLY A 133 -2.72 -5.89 4.31
CA GLY A 133 -2.31 -6.63 3.14
C GLY A 133 -2.25 -5.84 1.85
N SER A 134 -2.58 -4.54 1.88
CA SER A 134 -2.48 -3.65 0.73
C SER A 134 -1.77 -2.38 1.14
N ARG A 135 -0.97 -1.83 0.23
CA ARG A 135 -0.29 -0.56 0.48
C ARG A 135 -1.30 0.56 0.78
N ILE A 136 -0.88 1.51 1.61
CA ILE A 136 -1.72 2.62 2.03
C ILE A 136 -1.74 3.70 0.95
N LYS A 137 -2.94 4.21 0.66
CA LYS A 137 -3.16 5.15 -0.44
C LYS A 137 -3.58 6.53 0.07
N GLY A 138 -3.15 6.90 1.27
CA GLY A 138 -3.44 8.22 1.81
C GLY A 138 -4.32 8.14 3.05
N TYR A 139 -4.61 9.32 3.59
CA TYR A 139 -5.28 9.45 4.87
C TYR A 139 -6.46 10.40 4.76
N ILE A 140 -7.39 10.26 5.70
CA ILE A 140 -8.59 11.09 5.76
C ILE A 140 -8.67 11.73 7.15
N VAL A 141 -8.88 13.04 7.20
CA VAL A 141 -8.99 13.79 8.45
C VAL A 141 -10.41 14.30 8.59
N GLU A 142 -11.04 14.02 9.74
CA GLU A 142 -12.38 14.49 10.01
C GLU A 142 -12.37 15.38 11.24
N ARG A 143 -13.27 16.35 11.27
CA ARG A 143 -13.35 17.22 12.42
C ARG A 143 -14.79 17.27 12.92
N CYS A 144 -14.95 17.31 14.23
CA CYS A 144 -16.27 17.28 14.87
C CYS A 144 -16.43 18.47 15.79
N PRO A 145 -17.32 19.41 15.48
CA PRO A 145 -17.53 20.55 16.36
C PRO A 145 -18.06 20.11 17.71
N ARG A 146 -17.85 20.98 18.70
CA ARG A 146 -18.33 20.75 20.05
C ARG A 146 -19.81 20.39 20.06
N GLY A 147 -20.65 21.30 19.55
CA GLY A 147 -22.09 21.12 19.60
C GLY A 147 -22.68 20.09 18.65
N SER A 148 -21.93 19.03 18.38
CA SER A 148 -22.36 18.05 17.39
C SER A 148 -21.51 16.79 17.56
N ASP A 149 -22.02 15.70 16.97
CA ASP A 149 -21.28 14.45 16.79
C ASP A 149 -21.30 14.04 15.32
N LYS A 150 -21.45 15.00 14.41
CA LYS A 150 -21.54 14.78 12.97
C LYS A 150 -20.24 15.25 12.33
N TRP A 151 -19.41 14.29 11.90
CA TRP A 151 -18.07 14.58 11.42
C TRP A 151 -18.09 15.09 9.98
N VAL A 152 -17.11 15.93 9.64
CA VAL A 152 -17.01 16.54 8.33
C VAL A 152 -15.57 16.41 7.83
N ALA A 153 -15.42 15.88 6.62
CA ALA A 153 -14.09 15.70 6.02
C ALA A 153 -13.44 17.05 5.75
N CYS A 154 -12.20 17.22 6.24
CA CYS A 154 -11.44 18.47 6.10
C CYS A 154 -10.53 18.36 4.89
N GLY A 155 -11.05 18.72 3.71
CA GLY A 155 -10.26 18.71 2.50
C GLY A 155 -10.29 17.38 1.77
N GLU A 156 -9.17 17.00 1.18
CA GLU A 156 -9.15 15.78 0.38
C GLU A 156 -8.16 14.79 0.96
N PRO A 157 -8.14 13.54 0.49
CA PRO A 157 -7.10 12.60 0.93
C PRO A 157 -5.71 13.23 0.84
N VAL A 158 -4.81 12.76 1.68
CA VAL A 158 -3.46 13.30 1.75
C VAL A 158 -2.48 12.15 1.87
N ALA A 159 -1.47 12.13 1.00
CA ALA A 159 -0.51 11.04 1.08
C ALA A 159 0.44 11.20 2.25
N GLU A 160 0.68 12.43 2.69
CA GLU A 160 1.59 12.65 3.81
C GLU A 160 0.90 12.38 5.13
N THR A 161 1.70 12.01 6.13
CA THR A 161 1.20 11.81 7.48
C THR A 161 1.10 13.14 8.22
N LYS A 162 0.72 14.20 7.49
CA LYS A 162 0.58 15.55 8.05
C LYS A 162 -0.43 16.32 7.22
N MET A 163 -1.21 17.17 7.90
CA MET A 163 -2.15 18.06 7.20
C MET A 163 -2.43 19.28 8.06
N GLU A 164 -2.44 20.45 7.44
CA GLU A 164 -2.87 21.67 8.12
C GLU A 164 -4.34 21.88 7.83
N VAL A 165 -5.17 21.75 8.87
CA VAL A 165 -6.59 22.00 8.76
C VAL A 165 -6.82 23.50 8.70
N THR A 166 -7.48 23.98 7.64
CA THR A 166 -7.88 25.38 7.58
C THR A 166 -9.34 25.48 7.19
N GLY A 167 -9.89 26.68 7.38
CA GLY A 167 -11.31 26.92 7.21
C GLY A 167 -12.08 26.87 8.50
N LEU A 168 -11.47 27.21 9.62
CA LEU A 168 -12.07 27.04 10.92
C LEU A 168 -12.71 28.34 11.39
N GLU A 169 -13.85 28.22 12.07
CA GLU A 169 -14.58 29.37 12.56
C GLU A 169 -14.00 29.85 13.88
N GLU A 170 -13.85 31.18 14.00
CA GLU A 170 -13.13 31.80 15.11
C GLU A 170 -13.79 31.49 16.45
N GLY A 171 -12.98 31.01 17.39
CA GLY A 171 -13.43 30.78 18.74
C GLY A 171 -14.26 29.54 18.95
N LYS A 172 -14.17 28.57 18.08
CA LYS A 172 -15.00 27.39 18.26
C LYS A 172 -14.15 26.19 18.65
N TRP A 173 -14.82 25.15 19.16
CA TRP A 173 -14.18 23.97 19.70
C TRP A 173 -14.27 22.80 18.73
N TYR A 174 -13.13 22.14 18.47
CA TYR A 174 -13.00 21.10 17.48
C TYR A 174 -12.16 19.94 18.01
N ALA A 175 -12.62 18.71 17.74
CA ALA A 175 -11.80 17.50 17.86
C ALA A 175 -11.54 16.91 16.47
N TYR A 176 -10.43 16.20 16.31
CA TYR A 176 -10.00 15.68 15.01
C TYR A 176 -9.64 14.20 15.09
N ARG A 177 -10.00 13.43 14.06
CA ARG A 177 -9.59 12.03 13.95
C ARG A 177 -9.16 11.72 12.51
N VAL A 178 -8.39 10.63 12.36
CA VAL A 178 -7.76 10.25 11.09
C VAL A 178 -8.08 8.80 10.75
N LYS A 179 -8.36 8.55 9.47
CA LYS A 179 -8.52 7.21 8.92
C LYS A 179 -7.48 6.99 7.83
N ALA A 180 -6.91 5.79 7.78
CA ALA A 180 -6.05 5.42 6.67
C ALA A 180 -6.91 4.73 5.59
N LEU A 181 -6.37 4.69 4.36
CA LEU A 181 -7.05 4.06 3.24
C LEU A 181 -6.07 3.20 2.45
N ASN A 182 -6.51 2.00 2.06
CA ASN A 182 -5.75 1.22 1.09
C ASN A 182 -6.65 0.86 -0.08
N ARG A 183 -6.44 -0.30 -0.70
CA ARG A 183 -7.22 -0.65 -1.87
C ARG A 183 -8.69 -0.88 -1.49
N GLN A 184 -8.95 -1.72 -0.49
CA GLN A 184 -10.33 -2.04 -0.15
C GLN A 184 -10.92 -1.06 0.84
N GLY A 185 -10.64 0.24 0.71
CA GLY A 185 -11.28 1.26 1.52
C GLY A 185 -10.50 1.81 2.70
N ALA A 186 -11.24 2.27 3.71
CA ALA A 186 -10.73 3.16 4.73
C ALA A 186 -10.83 2.54 6.11
N SER A 187 -9.82 2.79 6.93
CA SER A 187 -9.71 2.14 8.21
C SER A 187 -10.83 2.55 9.14
N LYS A 188 -11.08 1.71 10.13
CA LYS A 188 -11.71 2.21 11.33
C LYS A 188 -10.99 3.47 11.80
N PRO A 189 -11.71 4.52 12.20
CA PRO A 189 -11.02 5.78 12.50
C PRO A 189 -10.10 5.67 13.71
N SER A 190 -9.13 6.58 13.76
CA SER A 190 -8.05 6.55 14.74
C SER A 190 -8.52 7.07 16.09
N ARG A 191 -7.57 7.09 17.03
CA ARG A 191 -7.73 7.61 18.38
C ARG A 191 -7.99 9.11 18.28
N PRO A 192 -9.23 9.56 18.51
CA PRO A 192 -9.53 10.99 18.35
C PRO A 192 -8.76 11.86 19.33
N THR A 193 -8.76 13.15 19.03
CA THR A 193 -8.11 14.15 19.87
C THR A 193 -9.13 14.76 20.84
N GLU A 194 -8.66 15.71 21.64
CA GLU A 194 -9.55 16.51 22.47
C GLU A 194 -10.04 17.71 21.67
N GLU A 195 -11.06 18.37 22.21
CA GLU A 195 -11.57 19.58 21.58
C GLU A 195 -10.57 20.72 21.76
N ILE A 196 -10.29 21.44 20.67
CA ILE A 196 -9.32 22.53 20.63
C ILE A 196 -9.99 23.75 20.00
N GLN A 197 -9.69 24.94 20.53
CA GLN A 197 -10.28 26.21 20.11
C GLN A 197 -9.30 27.01 19.25
N ALA A 198 -9.61 28.31 19.00
CA ALA A 198 -8.85 29.22 18.15
C ALA A 198 -7.93 30.14 18.97
N VAL A 199 -7.20 31.04 18.29
CA VAL A 199 -6.43 32.12 19.00
C VAL A 199 -6.23 33.48 18.26
#